data_6UJL
#
_entry.id   6UJL
#
_cell.length_a   81.190
_cell.length_b   86.122
_cell.length_c   40.711
_cell.angle_alpha   90.000
_cell.angle_beta   90.000
_cell.angle_gamma   90.000
#
_symmetry.space_group_name_H-M   'P 21 21 2'
#
loop_
_entity.id
_entity.type
_entity.pdbx_description
1 polymer 'WD repeat-containing protein 5'
2 non-polymer 6-methyl-3-(propylsulfanyl)-1,2,4-triazin-5-ol
3 water water
#
_entity_poly.entity_id   1
_entity_poly.type   'polypeptide(L)'
_entity_poly.pdbx_seq_one_letter_code
;SATQSKPTPVKPNYALKFTLAGHTKAVSSVKFSPNGEWLASSSADKLIKIWGAYDGKFEKTISGHKLGISDVAWSSDSNL
LVSASDDKTLKIWDVSSGKCLKTLKGHSNYVFCCNFNPQSNLIVSGSFDESVRIWDVKTGKCLKTLPAHSDPVSAVHFNR
DGSLIVSSSYDGLCRIWDTASGQCLKTLIDDDNPPVSFVKFSPNGKYILAATLDNTLKLWDYSKGKCLKTYTGHKNEKYC
IFANFSVTGGKWIVSGSEDNLVYIWNLQTKEIVQKLQGHTDVVISTACHPTENIIASAALENDKTIKLWKSDC
;
_entity_poly.pdbx_strand_id   A
#
# COMPACT_ATOMS: atom_id res chain seq x y z
N PRO A 9 -12.09 6.47 -22.34
CA PRO A 9 -12.12 7.89 -21.96
C PRO A 9 -10.73 8.52 -21.97
N VAL A 10 -10.67 9.81 -22.31
CA VAL A 10 -9.41 10.52 -22.35
C VAL A 10 -9.03 10.99 -20.95
N LYS A 11 -10.02 11.43 -20.19
CA LYS A 11 -9.81 11.88 -18.81
C LYS A 11 -10.93 11.41 -17.90
N PRO A 12 -10.60 11.00 -16.67
CA PRO A 12 -11.64 10.66 -15.71
C PRO A 12 -12.27 11.91 -15.11
N ASN A 13 -13.37 11.75 -14.38
CA ASN A 13 -14.00 12.89 -13.73
C ASN A 13 -14.35 12.55 -12.28
N TYR A 14 -13.32 12.21 -11.51
CA TYR A 14 -13.52 11.87 -10.10
C TYR A 14 -14.04 13.07 -9.33
N ALA A 15 -15.10 12.83 -8.56
CA ALA A 15 -15.71 13.86 -7.75
C ALA A 15 -15.91 13.35 -6.34
N LEU A 16 -15.77 14.24 -5.37
CA LEU A 16 -15.89 13.86 -3.97
C LEU A 16 -17.31 13.40 -3.64
N LYS A 17 -17.40 12.22 -3.02
CA LYS A 17 -18.71 11.68 -2.66
C LYS A 17 -18.89 11.64 -1.15
N PHE A 18 -17.87 11.21 -0.42
CA PHE A 18 -17.95 11.10 1.03
C PHE A 18 -16.65 11.46 1.70
N THR A 19 -16.76 12.06 2.88
CA THR A 19 -15.60 12.31 3.74
C THR A 19 -15.79 11.55 5.05
N LEU A 20 -14.78 10.74 5.38
CA LEU A 20 -14.86 9.79 6.48
C LEU A 20 -13.98 10.25 7.63
N ALA A 21 -14.61 10.68 8.72
CA ALA A 21 -13.87 11.18 9.87
C ALA A 21 -14.01 10.21 11.03
N GLY A 22 -12.95 10.07 11.82
CA GLY A 22 -13.00 9.16 12.96
C GLY A 22 -11.65 8.96 13.62
N HIS A 23 -10.61 8.81 12.81
CA HIS A 23 -9.26 8.65 13.33
C HIS A 23 -8.82 9.94 14.03
N THR A 24 -8.10 9.80 15.14
CA THR A 24 -7.71 10.96 15.93
C THR A 24 -6.26 11.34 15.72
N LYS A 25 -5.58 10.59 14.87
CA LYS A 25 -4.22 10.91 14.46
C LYS A 25 -4.08 10.67 12.96
N ALA A 26 -2.88 10.87 12.43
CA ALA A 26 -2.64 10.67 11.01
C ALA A 26 -3.12 9.31 10.52
N VAL A 27 -3.76 9.29 9.37
CA VAL A 27 -4.09 8.03 8.74
C VAL A 27 -2.84 7.57 8.01
N SER A 28 -2.62 6.25 7.96
CA SER A 28 -1.39 5.75 7.35
C SER A 28 -1.64 4.94 6.09
N SER A 29 -2.81 4.30 6.01
N SER A 29 -2.80 4.28 6.02
CA SER A 29 -3.11 3.42 4.88
CA SER A 29 -3.12 3.49 4.83
C SER A 29 -4.61 3.16 4.74
C SER A 29 -4.61 3.19 4.74
N VAL A 30 -5.09 3.10 3.50
CA VAL A 30 -6.46 2.69 3.22
C VAL A 30 -6.42 1.59 2.16
N LYS A 31 -7.28 0.60 2.32
CA LYS A 31 -7.33 -0.53 1.39
C LYS A 31 -8.76 -0.99 1.20
N PHE A 32 -9.16 -1.25 -0.04
CA PHE A 32 -10.47 -1.82 -0.31
C PHE A 32 -10.41 -3.34 -0.18
N SER A 33 -11.45 -3.93 0.40
CA SER A 33 -11.56 -5.38 0.44
C SER A 33 -11.70 -5.92 -0.98
N PRO A 34 -11.13 -7.10 -1.24
CA PRO A 34 -11.24 -7.69 -2.58
C PRO A 34 -12.68 -7.85 -3.07
N ASN A 35 -13.63 -8.04 -2.15
CA ASN A 35 -15.02 -8.20 -2.56
C ASN A 35 -15.74 -6.88 -2.77
N GLY A 36 -15.01 -5.78 -2.57
CA GLY A 36 -15.50 -4.46 -2.91
C GLY A 36 -16.44 -3.83 -1.91
N GLU A 37 -16.71 -4.52 -0.81
CA GLU A 37 -17.74 -4.07 0.11
C GLU A 37 -17.22 -3.10 1.16
N TRP A 38 -15.93 -3.21 1.49
CA TRP A 38 -15.39 -2.49 2.63
C TRP A 38 -14.12 -1.73 2.32
N LEU A 39 -13.88 -0.71 3.15
CA LEU A 39 -12.60 -0.02 3.17
C LEU A 39 -12.00 -0.18 4.57
N ALA A 40 -10.74 -0.58 4.66
CA ALA A 40 -10.05 -0.62 5.94
C ALA A 40 -9.05 0.52 6.00
N SER A 41 -8.94 1.16 7.17
CA SER A 41 -7.96 2.22 7.34
C SER A 41 -7.13 1.95 8.59
N SER A 42 -5.86 2.34 8.54
CA SER A 42 -4.99 2.24 9.71
C SER A 42 -4.50 3.63 10.07
N SER A 43 -4.08 3.81 11.31
CA SER A 43 -3.69 5.13 11.76
C SER A 43 -2.62 5.12 12.83
N ALA A 44 -1.99 6.27 13.01
CA ALA A 44 -1.05 6.48 14.11
C ALA A 44 -1.75 6.42 15.46
N ASP A 45 -3.07 6.40 15.47
CA ASP A 45 -3.83 6.32 16.72
C ASP A 45 -3.97 4.89 17.23
N LYS A 46 -3.22 3.98 16.59
CA LYS A 46 -3.15 2.56 16.96
C LYS A 46 -4.40 1.76 16.59
N LEU A 47 -5.28 2.35 15.79
CA LEU A 47 -6.54 1.70 15.45
C LEU A 47 -6.68 1.35 13.97
N ILE A 48 -7.44 0.29 13.72
CA ILE A 48 -7.94 -0.05 12.41
C ILE A 48 -9.42 0.31 12.39
N LYS A 49 -9.88 0.97 11.33
CA LYS A 49 -11.32 1.20 11.20
C LYS A 49 -11.83 0.61 9.88
N ILE A 50 -13.06 0.12 9.92
CA ILE A 50 -13.71 -0.46 8.75
C ILE A 50 -14.86 0.45 8.35
N TRP A 51 -14.99 0.70 7.05
CA TRP A 51 -16.01 1.60 6.51
C TRP A 51 -16.69 0.96 5.30
N GLY A 52 -17.94 1.34 5.03
CA GLY A 52 -18.61 0.92 3.81
C GLY A 52 -17.96 1.55 2.58
N ALA A 53 -17.65 0.72 1.59
CA ALA A 53 -16.93 1.21 0.41
C ALA A 53 -17.78 2.12 -0.48
N TYR A 54 -19.10 1.94 -0.41
CA TYR A 54 -19.98 2.67 -1.33
C TYR A 54 -20.69 3.85 -0.68
N ASP A 55 -20.92 3.77 0.63
CA ASP A 55 -21.63 4.84 1.31
C ASP A 55 -20.78 5.54 2.37
N GLY A 56 -19.56 5.04 2.57
CA GLY A 56 -18.65 5.63 3.54
C GLY A 56 -19.05 5.46 4.99
N LYS A 57 -20.06 4.62 5.24
CA LYS A 57 -20.59 4.50 6.60
C LYS A 57 -19.63 3.76 7.52
N PHE A 58 -19.33 4.36 8.67
CA PHE A 58 -18.45 3.72 9.63
C PHE A 58 -19.03 2.40 10.11
N GLU A 59 -18.20 1.35 10.11
CA GLU A 59 -18.67 0.03 10.50
C GLU A 59 -18.17 -0.36 11.89
N LYS A 60 -16.85 -0.45 12.06
CA LYS A 60 -16.28 -0.88 13.34
C LYS A 60 -14.82 -0.47 13.51
N THR A 61 -14.37 -0.46 14.76
CA THR A 61 -12.97 -0.21 15.10
C THR A 61 -12.33 -1.49 15.62
N ILE A 62 -11.12 -1.78 15.13
CA ILE A 62 -10.38 -2.94 15.57
C ILE A 62 -9.14 -2.48 16.32
N SER A 63 -9.00 -2.94 17.56
N SER A 63 -8.99 -2.95 17.56
CA SER A 63 -7.94 -2.45 18.45
CA SER A 63 -7.96 -2.45 18.47
C SER A 63 -7.05 -3.58 18.94
C SER A 63 -7.08 -3.57 19.02
N GLY A 64 -5.84 -3.24 19.37
CA GLY A 64 -4.94 -4.21 19.97
C GLY A 64 -3.46 -3.85 19.92
N HIS A 65 -3.04 -3.15 18.88
CA HIS A 65 -1.64 -2.75 18.79
C HIS A 65 -1.27 -1.74 19.88
N LYS A 66 -0.03 -1.81 20.34
CA LYS A 66 0.42 -0.97 21.46
C LYS A 66 1.01 0.35 20.97
N LEU A 67 1.29 0.43 19.67
CA LEU A 67 1.79 1.67 19.07
C LEU A 67 1.13 1.87 17.70
N GLY A 68 1.48 2.97 17.04
CA GLY A 68 0.86 3.32 15.77
C GLY A 68 1.00 2.26 14.70
N ILE A 69 0.06 2.27 13.76
CA ILE A 69 0.02 1.30 12.67
C ILE A 69 0.40 1.98 11.36
N SER A 70 1.26 1.35 10.57
CA SER A 70 1.71 1.94 9.31
C SER A 70 0.98 1.41 8.07
N ASP A 71 0.40 0.22 8.19
CA ASP A 71 -0.15 -0.46 7.01
C ASP A 71 -1.15 -1.53 7.41
N VAL A 72 -2.10 -1.78 6.52
CA VAL A 72 -3.08 -2.83 6.68
CA VAL A 72 -3.07 -2.85 6.67
C VAL A 72 -3.32 -3.49 5.33
N ALA A 73 -3.69 -4.77 5.33
CA ALA A 73 -3.93 -5.48 4.08
C ALA A 73 -4.97 -6.57 4.27
N TRP A 74 -5.75 -6.82 3.22
CA TRP A 74 -6.84 -7.81 3.24
C TRP A 74 -6.41 -9.17 2.72
N SER A 75 -6.98 -10.22 3.30
CA SER A 75 -6.88 -11.55 2.69
C SER A 75 -7.77 -11.61 1.46
N SER A 76 -7.50 -12.57 0.58
CA SER A 76 -8.21 -12.66 -0.69
C SER A 76 -9.72 -12.89 -0.55
N ASP A 77 -10.15 -13.52 0.55
CA ASP A 77 -11.57 -13.80 0.76
C ASP A 77 -12.26 -12.69 1.55
N SER A 78 -11.51 -11.61 1.79
CA SER A 78 -12.02 -10.42 2.50
C SER A 78 -12.37 -10.67 3.97
N ASN A 79 -11.94 -11.80 4.52
CA ASN A 79 -12.32 -12.14 5.89
C ASN A 79 -11.26 -11.80 6.94
N LEU A 80 -10.00 -11.70 6.51
CA LEU A 80 -8.90 -11.39 7.43
C LEU A 80 -8.22 -10.09 7.07
N LEU A 81 -7.63 -9.44 8.07
CA LEU A 81 -6.73 -8.31 7.86
C LEU A 81 -5.39 -8.63 8.49
N VAL A 82 -4.32 -8.09 7.91
CA VAL A 82 -3.04 -8.05 8.63
C VAL A 82 -2.64 -6.59 8.80
N SER A 83 -2.08 -6.27 9.96
CA SER A 83 -1.63 -4.90 10.24
C SER A 83 -0.15 -4.89 10.63
N ALA A 84 0.55 -3.81 10.29
CA ALA A 84 1.96 -3.64 10.60
C ALA A 84 2.15 -2.45 11.53
N SER A 85 2.82 -2.64 12.66
CA SER A 85 2.85 -1.60 13.69
C SER A 85 4.25 -1.20 14.16
N ASP A 86 4.34 -0.01 14.73
CA ASP A 86 5.56 0.46 15.37
C ASP A 86 5.93 -0.36 16.60
N ASP A 87 5.00 -1.20 17.07
CA ASP A 87 5.29 -2.05 18.23
C ASP A 87 6.07 -3.31 17.83
N LYS A 88 6.59 -3.31 16.60
CA LYS A 88 7.49 -4.34 16.04
C LYS A 88 6.78 -5.64 15.70
N THR A 89 5.46 -5.66 15.76
CA THR A 89 4.70 -6.85 15.41
C THR A 89 3.76 -6.61 14.25
N LEU A 90 3.32 -7.71 13.65
CA LEU A 90 2.13 -7.70 12.82
C LEU A 90 1.04 -8.45 13.55
N LYS A 91 -0.22 -8.12 13.27
CA LYS A 91 -1.32 -8.88 13.85
C LYS A 91 -2.26 -9.30 12.74
N ILE A 92 -2.76 -10.53 12.84
CA ILE A 92 -3.77 -11.05 11.93
C ILE A 92 -5.13 -10.98 12.60
N TRP A 93 -6.10 -10.39 11.92
CA TRP A 93 -7.41 -10.13 12.51
C TRP A 93 -8.52 -10.86 11.77
N ASP A 94 -9.43 -11.46 12.52
CA ASP A 94 -10.70 -11.89 11.95
C ASP A 94 -11.64 -10.69 11.96
N VAL A 95 -11.97 -10.17 10.78
CA VAL A 95 -12.70 -8.90 10.68
C VAL A 95 -14.08 -8.95 11.32
N SER A 96 -14.82 -10.03 11.07
CA SER A 96 -16.20 -10.16 11.56
CA SER A 96 -16.19 -10.13 11.56
C SER A 96 -16.27 -10.15 13.09
N SER A 97 -15.35 -10.87 13.72
CA SER A 97 -15.37 -10.98 15.18
C SER A 97 -14.50 -9.93 15.86
N GLY A 98 -13.58 -9.35 15.11
CA GLY A 98 -12.66 -8.36 15.63
C GLY A 98 -11.48 -8.97 16.38
N LYS A 99 -11.44 -10.30 16.43
CA LYS A 99 -10.42 -11.00 17.22
C LYS A 99 -9.05 -10.98 16.56
N CYS A 100 -8.02 -10.78 17.37
CA CYS A 100 -6.65 -10.97 16.91
C CYS A 100 -6.35 -12.46 16.92
N LEU A 101 -6.18 -13.03 15.73
CA LEU A 101 -5.94 -14.47 15.61
C LEU A 101 -4.49 -14.81 15.93
N LYS A 102 -3.57 -13.99 15.45
CA LYS A 102 -2.14 -14.23 15.63
C LYS A 102 -1.36 -12.93 15.79
N THR A 103 -0.33 -12.95 16.61
CA THR A 103 0.61 -11.84 16.66
C THR A 103 1.95 -12.34 16.13
N LEU A 104 2.44 -11.70 15.06
CA LEU A 104 3.66 -12.13 14.39
C LEU A 104 4.86 -11.41 14.96
N LYS A 105 5.69 -12.14 15.70
CA LYS A 105 6.85 -11.55 16.37
C LYS A 105 8.14 -12.01 15.72
N GLY A 106 9.08 -11.08 15.55
CA GLY A 106 10.37 -11.41 14.93
C GLY A 106 11.17 -10.20 14.50
N HIS A 107 10.49 -9.21 13.93
CA HIS A 107 11.15 -7.98 13.55
C HIS A 107 11.72 -7.27 14.78
N SER A 108 12.84 -6.58 14.59
CA SER A 108 13.52 -5.96 15.73
C SER A 108 13.30 -4.45 15.76
N ASN A 109 12.47 -3.95 14.86
CA ASN A 109 12.10 -2.54 14.88
C ASN A 109 10.76 -2.35 14.19
N TYR A 110 10.38 -1.09 13.94
CA TYR A 110 9.08 -0.77 13.34
C TYR A 110 8.77 -1.63 12.12
N VAL A 111 7.55 -2.17 12.06
CA VAL A 111 7.10 -2.83 10.84
C VAL A 111 6.35 -1.80 10.00
N PHE A 112 6.77 -1.62 8.75
CA PHE A 112 6.25 -0.54 7.91
C PHE A 112 5.23 -0.98 6.87
N CYS A 113 5.30 -2.23 6.44
CA CYS A 113 4.49 -2.67 5.31
C CYS A 113 4.15 -4.15 5.38
N CYS A 114 3.02 -4.52 4.77
CA CYS A 114 2.57 -5.90 4.79
C CYS A 114 1.60 -6.23 3.67
N ASN A 115 1.48 -7.51 3.37
CA ASN A 115 0.58 -7.99 2.34
C ASN A 115 0.39 -9.49 2.42
N PHE A 116 -0.82 -9.95 2.11
CA PHE A 116 -1.08 -11.37 1.90
C PHE A 116 -0.66 -11.76 0.49
N ASN A 117 -0.30 -13.02 0.29
CA ASN A 117 -0.21 -13.54 -1.08
C ASN A 117 -1.62 -13.88 -1.57
N PRO A 118 -1.80 -14.04 -2.89
CA PRO A 118 -3.14 -14.35 -3.43
C PRO A 118 -3.80 -15.55 -2.77
N GLN A 119 -3.03 -16.61 -2.50
CA GLN A 119 -3.57 -17.78 -1.81
C GLN A 119 -3.95 -17.43 -0.36
N SER A 120 -3.28 -16.40 0.17
CA SER A 120 -3.49 -15.88 1.52
C SER A 120 -3.11 -16.87 2.62
N ASN A 121 -2.19 -17.77 2.31
CA ASN A 121 -1.60 -18.64 3.31
C ASN A 121 -0.31 -18.04 3.84
N LEU A 122 0.19 -17.02 3.15
CA LEU A 122 1.42 -16.34 3.53
C LEU A 122 1.21 -14.84 3.72
N ILE A 123 2.01 -14.26 4.60
CA ILE A 123 2.12 -12.81 4.73
C ILE A 123 3.57 -12.41 4.49
N VAL A 124 3.77 -11.32 3.77
CA VAL A 124 5.10 -10.72 3.67
C VAL A 124 5.11 -9.39 4.42
N SER A 125 6.22 -9.09 5.08
CA SER A 125 6.37 -7.85 5.84
C SER A 125 7.73 -7.21 5.59
N GLY A 126 7.79 -5.90 5.74
CA GLY A 126 9.05 -5.18 5.65
C GLY A 126 9.19 -4.24 6.83
N SER A 127 10.41 -4.02 7.27
CA SER A 127 10.62 -3.32 8.53
C SER A 127 11.74 -2.30 8.50
N PHE A 128 11.75 -1.43 9.49
CA PHE A 128 12.84 -0.49 9.73
C PHE A 128 14.14 -1.26 9.95
N ASP A 129 14.03 -2.53 10.37
CA ASP A 129 15.22 -3.33 10.67
C ASP A 129 15.91 -3.84 9.39
N GLU A 130 15.39 -3.42 8.24
CA GLU A 130 15.99 -3.61 6.91
C GLU A 130 15.77 -5.02 6.35
N SER A 131 14.92 -5.80 7.02
CA SER A 131 14.63 -7.14 6.56
C SER A 131 13.24 -7.26 5.97
N VAL A 132 13.05 -8.30 5.17
CA VAL A 132 11.75 -8.70 4.70
C VAL A 132 11.49 -10.08 5.28
N ARG A 133 10.30 -10.28 5.85
N ARG A 133 10.30 -10.28 5.85
CA ARG A 133 9.97 -11.57 6.43
CA ARG A 133 9.97 -11.57 6.45
C ARG A 133 8.75 -12.18 5.78
C ARG A 133 8.75 -12.18 5.78
N ILE A 134 8.74 -13.51 5.70
CA ILE A 134 7.62 -14.25 5.15
C ILE A 134 7.04 -15.10 6.26
N TRP A 135 5.73 -14.98 6.49
CA TRP A 135 5.08 -15.62 7.63
C TRP A 135 4.01 -16.61 7.19
N ASP A 136 3.84 -17.67 7.98
CA ASP A 136 2.72 -18.59 7.77
C ASP A 136 1.50 -18.06 8.52
N VAL A 137 0.41 -17.86 7.78
CA VAL A 137 -0.81 -17.29 8.34
C VAL A 137 -1.42 -18.19 9.43
N LYS A 138 -1.47 -19.48 9.17
CA LYS A 138 -2.18 -20.39 10.07
C LYS A 138 -1.42 -20.68 11.36
N THR A 139 -0.08 -20.72 11.28
CA THR A 139 0.72 -21.00 12.48
C THR A 139 1.25 -19.72 13.11
N GLY A 140 1.35 -18.65 12.33
CA GLY A 140 1.83 -17.38 12.82
C GLY A 140 3.34 -17.31 12.94
N LYS A 141 4.02 -18.32 12.44
CA LYS A 141 5.48 -18.38 12.56
C LYS A 141 6.18 -17.81 11.33
N CYS A 142 7.37 -17.29 11.55
CA CYS A 142 8.19 -16.76 10.47
C CYS A 142 8.85 -17.89 9.71
N LEU A 143 8.64 -17.94 8.40
CA LEU A 143 9.21 -18.99 7.57
C LEU A 143 10.58 -18.60 7.02
N LYS A 144 10.73 -17.33 6.65
CA LYS A 144 11.97 -16.84 6.06
C LYS A 144 12.27 -15.42 6.51
N THR A 145 13.55 -15.14 6.74
CA THR A 145 14.01 -13.77 6.94
C THR A 145 15.00 -13.44 5.83
N LEU A 146 14.65 -12.47 4.99
CA LEU A 146 15.48 -12.10 3.87
C LEU A 146 16.34 -10.89 4.21
N PRO A 147 17.65 -10.97 3.93
CA PRO A 147 18.57 -9.84 4.14
C PRO A 147 18.41 -8.85 3.00
N ALA A 148 17.22 -8.27 2.93
CA ALA A 148 16.74 -7.64 1.72
C ALA A 148 17.44 -6.34 1.34
N HIS A 149 17.70 -5.51 2.34
CA HIS A 149 18.16 -4.15 2.08
C HIS A 149 19.12 -3.63 3.14
N SER A 150 19.71 -2.47 2.88
CA SER A 150 20.67 -1.86 3.80
C SER A 150 20.11 -0.58 4.41
N ASP A 151 18.80 -0.41 4.28
CA ASP A 151 18.07 0.71 4.85
C ASP A 151 16.64 0.25 5.08
N PRO A 152 15.82 1.04 5.81
CA PRO A 152 14.45 0.58 6.07
C PRO A 152 13.68 0.16 4.81
N VAL A 153 12.86 -0.87 4.94
CA VAL A 153 12.06 -1.39 3.85
C VAL A 153 10.73 -0.65 3.77
N SER A 154 10.43 -0.04 2.63
CA SER A 154 9.28 0.85 2.52
C SER A 154 8.00 0.17 1.99
N ALA A 155 8.17 -0.90 1.22
CA ALA A 155 7.02 -1.62 0.67
C ALA A 155 7.37 -3.08 0.33
N VAL A 156 6.36 -3.94 0.40
CA VAL A 156 6.47 -5.33 -0.02
C VAL A 156 5.16 -5.73 -0.69
N HIS A 157 5.24 -6.53 -1.74
CA HIS A 157 4.05 -6.90 -2.51
C HIS A 157 4.28 -8.22 -3.24
N PHE A 158 3.27 -9.10 -3.24
CA PHE A 158 3.30 -10.33 -4.03
C PHE A 158 2.79 -10.08 -5.45
N ASN A 159 3.33 -10.82 -6.42
CA ASN A 159 2.78 -10.76 -7.78
C ASN A 159 1.50 -11.58 -7.87
N ARG A 160 0.96 -11.69 -9.08
CA ARG A 160 -0.39 -12.23 -9.28
C ARG A 160 -0.57 -13.69 -8.85
N ASP A 161 0.47 -14.51 -8.94
CA ASP A 161 0.35 -15.90 -8.51
C ASP A 161 1.16 -16.22 -7.24
N GLY A 162 1.68 -15.18 -6.61
CA GLY A 162 2.37 -15.32 -5.33
C GLY A 162 3.76 -15.93 -5.44
N SER A 163 4.26 -16.12 -6.65
CA SER A 163 5.58 -16.72 -6.85
C SER A 163 6.72 -15.75 -6.59
N LEU A 164 6.42 -14.45 -6.71
CA LEU A 164 7.43 -13.41 -6.55
C LEU A 164 7.01 -12.38 -5.51
N ILE A 165 8.01 -11.79 -4.86
CA ILE A 165 7.82 -10.66 -3.97
C ILE A 165 8.66 -9.51 -4.49
N VAL A 166 8.10 -8.31 -4.51
CA VAL A 166 8.93 -7.14 -4.77
C VAL A 166 9.08 -6.34 -3.48
N SER A 167 10.29 -5.86 -3.21
CA SER A 167 10.52 -5.01 -2.06
C SER A 167 11.21 -3.72 -2.48
N SER A 168 10.98 -2.65 -1.71
CA SER A 168 11.67 -1.40 -1.96
C SER A 168 12.26 -0.87 -0.67
N SER A 169 13.26 -0.01 -0.80
CA SER A 169 13.92 0.52 0.39
C SER A 169 14.50 1.90 0.16
N TYR A 170 14.71 2.61 1.27
CA TYR A 170 15.39 3.89 1.25
C TYR A 170 16.84 3.77 0.75
N ASP A 171 17.33 2.54 0.60
CA ASP A 171 18.67 2.33 0.06
C ASP A 171 18.70 2.53 -1.46
N GLY A 172 17.54 2.84 -2.03
CA GLY A 172 17.44 3.18 -3.43
C GLY A 172 17.18 2.01 -4.35
N LEU A 173 17.01 0.82 -3.78
CA LEU A 173 16.84 -0.39 -4.56
C LEU A 173 15.42 -0.93 -4.55
N CYS A 174 15.02 -1.52 -5.67
CA CYS A 174 13.90 -2.44 -5.71
C CYS A 174 14.44 -3.83 -5.97
N ARG A 175 13.95 -4.81 -5.23
CA ARG A 175 14.41 -6.18 -5.43
C ARG A 175 13.25 -7.14 -5.62
N ILE A 176 13.48 -8.15 -6.47
CA ILE A 176 12.51 -9.19 -6.74
C ILE A 176 12.97 -10.49 -6.08
N TRP A 177 12.09 -11.13 -5.33
CA TRP A 177 12.43 -12.33 -4.57
C TRP A 177 11.59 -13.51 -4.98
N ASP A 178 12.20 -14.69 -5.04
CA ASP A 178 11.44 -15.92 -5.20
C ASP A 178 10.82 -16.30 -3.86
N THR A 179 9.49 -16.34 -3.80
CA THR A 179 8.80 -16.64 -2.54
C THR A 179 9.24 -17.97 -1.93
N ALA A 180 9.27 -19.00 -2.75
CA ALA A 180 9.54 -20.36 -2.26
C ALA A 180 10.98 -20.55 -1.77
N SER A 181 11.94 -19.97 -2.46
CA SER A 181 13.35 -20.20 -2.13
C SER A 181 13.96 -19.09 -1.28
N GLY A 182 13.40 -17.89 -1.38
CA GLY A 182 13.95 -16.74 -0.67
C GLY A 182 15.09 -16.07 -1.42
N GLN A 183 15.43 -16.59 -2.60
CA GLN A 183 16.54 -16.04 -3.36
C GLN A 183 16.20 -14.68 -4.00
N CYS A 184 17.16 -13.77 -3.96
CA CYS A 184 17.05 -12.51 -4.70
C CYS A 184 17.25 -12.77 -6.18
N LEU A 185 16.23 -12.47 -6.98
CA LEU A 185 16.26 -12.76 -8.41
C LEU A 185 16.64 -11.54 -9.26
N LYS A 186 16.33 -10.36 -8.77
CA LYS A 186 16.60 -9.13 -9.51
C LYS A 186 16.89 -7.98 -8.57
N THR A 187 17.84 -7.13 -8.96
CA THR A 187 18.00 -5.83 -8.32
C THR A 187 17.87 -4.76 -9.39
N LEU A 188 16.93 -3.84 -9.19
CA LEU A 188 16.65 -2.82 -10.19
C LEU A 188 17.32 -1.51 -9.84
N ILE A 189 18.12 -1.01 -10.78
N ILE A 189 18.11 -0.98 -10.77
CA ILE A 189 18.79 0.28 -10.64
CA ILE A 189 18.70 0.33 -10.56
C ILE A 189 18.73 1.06 -11.94
C ILE A 189 18.83 1.09 -11.88
N ASP A 190 18.37 2.34 -11.86
CA ASP A 190 18.40 3.21 -13.04
C ASP A 190 19.71 3.98 -13.04
N ASP A 191 19.72 5.17 -13.63
CA ASP A 191 20.93 5.97 -13.72
C ASP A 191 21.25 6.67 -12.39
N ASP A 192 20.35 6.50 -11.42
CA ASP A 192 20.58 6.99 -10.07
C ASP A 192 19.70 6.22 -9.10
N ASN A 193 20.04 6.24 -7.82
CA ASN A 193 19.28 5.50 -6.83
C ASN A 193 18.76 6.33 -5.65
N PRO A 194 17.84 7.28 -5.93
CA PRO A 194 17.20 7.97 -4.80
C PRO A 194 16.38 7.00 -3.97
N PRO A 195 16.11 7.34 -2.69
CA PRO A 195 15.31 6.44 -1.84
C PRO A 195 14.00 6.03 -2.49
N VAL A 196 13.71 4.74 -2.49
CA VAL A 196 12.45 4.24 -3.02
C VAL A 196 11.45 4.12 -1.88
N SER A 197 10.35 4.85 -1.99
CA SER A 197 9.38 4.99 -0.91
C SER A 197 8.18 4.07 -1.07
N PHE A 198 8.03 3.48 -2.24
CA PHE A 198 6.91 2.57 -2.49
C PHE A 198 7.14 1.75 -3.75
N VAL A 199 6.57 0.55 -3.77
CA VAL A 199 6.61 -0.30 -4.96
C VAL A 199 5.47 -1.30 -4.93
N LYS A 200 4.97 -1.67 -6.11
CA LYS A 200 3.99 -2.74 -6.22
C LYS A 200 3.98 -3.28 -7.65
N PHE A 201 3.56 -4.54 -7.81
CA PHE A 201 3.35 -5.12 -9.14
C PHE A 201 2.10 -4.52 -9.78
N SER A 202 2.08 -4.49 -11.11
CA SER A 202 0.88 -4.14 -11.84
C SER A 202 -0.11 -5.30 -11.75
N PRO A 203 -1.41 -5.03 -11.92
CA PRO A 203 -2.41 -6.09 -11.85
C PRO A 203 -2.15 -7.23 -12.84
N ASN A 204 -1.64 -6.93 -14.03
CA ASN A 204 -1.38 -7.98 -15.01
C ASN A 204 -0.02 -8.65 -14.78
N GLY A 205 0.71 -8.16 -13.77
CA GLY A 205 1.94 -8.79 -13.35
C GLY A 205 3.17 -8.51 -14.20
N LYS A 206 3.02 -7.70 -15.23
CA LYS A 206 4.12 -7.46 -16.17
C LYS A 206 5.06 -6.34 -15.74
N TYR A 207 4.59 -5.47 -14.85
CA TYR A 207 5.41 -4.33 -14.46
C TYR A 207 5.47 -4.17 -12.94
N ILE A 208 6.41 -3.36 -12.48
CA ILE A 208 6.31 -2.79 -11.14
C ILE A 208 6.26 -1.28 -11.23
N LEU A 209 5.56 -0.68 -10.29
CA LEU A 209 5.47 0.77 -10.18
C LEU A 209 6.24 1.19 -8.93
N ALA A 210 7.21 2.07 -9.08
CA ALA A 210 8.05 2.48 -7.96
C ALA A 210 8.04 3.99 -7.75
N ALA A 211 7.87 4.39 -6.49
CA ALA A 211 7.94 5.80 -6.14
C ALA A 211 9.30 6.10 -5.52
N THR A 212 9.91 7.20 -5.94
CA THR A 212 11.18 7.62 -5.34
C THR A 212 11.01 9.00 -4.74
N LEU A 213 11.83 9.32 -3.74
CA LEU A 213 11.69 10.57 -3.03
C LEU A 213 12.34 11.73 -3.76
N ASP A 214 12.32 11.66 -5.09
CA ASP A 214 12.70 12.78 -5.94
C ASP A 214 11.51 13.17 -6.82
N ASN A 215 10.32 13.10 -6.25
CA ASN A 215 9.09 13.51 -6.91
C ASN A 215 8.84 12.78 -8.22
N THR A 216 9.11 11.49 -8.23
CA THR A 216 9.01 10.70 -9.45
C THR A 216 8.40 9.32 -9.20
N LEU A 217 7.49 8.93 -10.08
CA LEU A 217 7.01 7.55 -10.15
C LEU A 217 7.56 6.92 -11.43
N LYS A 218 7.94 5.64 -11.36
CA LYS A 218 8.48 4.97 -12.52
C LYS A 218 7.86 3.60 -12.76
N LEU A 219 7.55 3.32 -14.01
CA LEU A 219 7.03 2.03 -14.40
C LEU A 219 8.19 1.18 -14.95
N TRP A 220 8.42 0.03 -14.34
CA TRP A 220 9.53 -0.83 -14.73
C TRP A 220 9.08 -2.14 -15.36
N ASP A 221 9.73 -2.54 -16.44
CA ASP A 221 9.73 -3.93 -16.85
C ASP A 221 10.79 -4.61 -15.99
N TYR A 222 10.35 -5.29 -14.93
CA TYR A 222 11.29 -5.80 -13.94
C TYR A 222 12.09 -7.00 -14.46
N SER A 223 11.50 -7.79 -15.35
CA SER A 223 12.17 -8.93 -15.93
C SER A 223 13.35 -8.50 -16.80
N LYS A 224 13.11 -7.55 -17.69
CA LYS A 224 14.14 -7.05 -18.58
C LYS A 224 14.96 -5.95 -17.90
N GLY A 225 14.49 -5.48 -16.75
CA GLY A 225 15.19 -4.47 -15.98
C GLY A 225 15.26 -3.12 -16.65
N LYS A 226 14.15 -2.70 -17.25
CA LYS A 226 14.11 -1.44 -17.98
C LYS A 226 12.98 -0.52 -17.50
N CYS A 227 13.28 0.75 -17.36
CA CYS A 227 12.24 1.74 -17.05
C CYS A 227 11.49 2.10 -18.32
N LEU A 228 10.16 1.99 -18.27
CA LEU A 228 9.32 2.21 -19.43
C LEU A 228 8.65 3.58 -19.40
N LYS A 229 8.11 3.95 -18.24
CA LYS A 229 7.38 5.20 -18.09
C LYS A 229 7.82 5.99 -16.86
N THR A 230 7.68 7.30 -16.94
CA THR A 230 7.99 8.19 -15.82
C THR A 230 6.82 9.15 -15.58
N TYR A 231 6.40 9.27 -14.32
CA TYR A 231 5.28 10.15 -13.97
C TYR A 231 5.74 11.20 -12.97
N THR A 232 5.55 12.47 -13.33
CA THR A 232 5.98 13.58 -12.49
C THR A 232 4.91 14.66 -12.38
N GLY A 233 5.19 15.69 -11.60
CA GLY A 233 4.25 16.79 -11.44
C GLY A 233 3.77 16.93 -10.01
N HIS A 234 3.82 15.81 -9.28
CA HIS A 234 3.42 15.79 -7.88
C HIS A 234 4.61 16.11 -6.97
N LYS A 235 4.36 16.11 -5.66
CA LYS A 235 5.40 16.38 -4.69
C LYS A 235 5.58 15.17 -3.78
N ASN A 236 6.79 14.62 -3.75
CA ASN A 236 7.08 13.48 -2.90
C ASN A 236 8.57 13.40 -2.58
N GLU A 237 8.96 14.06 -1.49
CA GLU A 237 10.37 14.07 -1.09
C GLU A 237 10.60 13.54 0.31
N LYS A 238 9.53 13.22 1.04
CA LYS A 238 9.67 12.83 2.43
C LYS A 238 8.94 11.56 2.82
N TYR A 239 7.70 11.43 2.36
CA TYR A 239 6.84 10.37 2.87
C TYR A 239 6.72 9.16 1.95
N CYS A 240 6.40 8.01 2.56
CA CYS A 240 6.11 6.81 1.80
C CYS A 240 4.65 6.82 1.38
N ILE A 241 4.40 7.35 0.19
CA ILE A 241 3.06 7.52 -0.33
C ILE A 241 2.69 6.38 -1.25
N PHE A 242 1.56 5.74 -0.98
CA PHE A 242 1.05 4.66 -1.80
C PHE A 242 0.67 5.16 -3.19
N ALA A 243 0.97 4.36 -4.20
CA ALA A 243 0.53 4.63 -5.55
C ALA A 243 -0.21 3.41 -6.09
N ASN A 244 -1.00 3.59 -7.14
CA ASN A 244 -1.89 2.53 -7.61
C ASN A 244 -2.05 2.49 -9.11
N PHE A 245 -2.42 1.32 -9.61
CA PHE A 245 -2.97 1.18 -10.95
C PHE A 245 -4.49 1.22 -10.88
N SER A 246 -5.11 2.12 -11.63
CA SER A 246 -6.56 2.12 -11.77
C SER A 246 -6.91 1.48 -13.11
N VAL A 247 -7.65 0.38 -13.07
CA VAL A 247 -7.87 -0.40 -14.29
C VAL A 247 -9.34 -0.75 -14.53
N THR A 248 -10.24 -0.21 -13.71
CA THR A 248 -11.66 -0.49 -13.85
C THR A 248 -12.30 0.28 -14.99
N GLY A 249 -11.76 1.46 -15.28
CA GLY A 249 -12.24 2.27 -16.38
C GLY A 249 -11.08 2.58 -17.31
N GLY A 250 -10.75 3.87 -17.43
CA GLY A 250 -9.54 4.25 -18.13
C GLY A 250 -8.34 3.73 -17.38
N LYS A 251 -7.21 3.58 -18.07
CA LYS A 251 -6.01 3.06 -17.42
C LYS A 251 -5.18 4.19 -16.83
N TRP A 252 -5.25 4.34 -15.51
CA TRP A 252 -4.58 5.45 -14.82
C TRP A 252 -3.52 5.01 -13.82
N ILE A 253 -2.63 5.94 -13.50
CA ILE A 253 -1.78 5.83 -12.33
C ILE A 253 -2.32 6.82 -11.30
N VAL A 254 -2.48 6.38 -10.05
CA VAL A 254 -3.03 7.21 -9.00
C VAL A 254 -2.06 7.29 -7.83
N SER A 255 -1.82 8.49 -7.32
CA SER A 255 -0.95 8.67 -6.17
C SER A 255 -1.33 9.86 -5.31
N GLY A 256 -0.96 9.80 -4.05
CA GLY A 256 -1.06 10.95 -3.17
C GLY A 256 0.10 11.89 -3.44
N SER A 257 0.19 12.95 -2.66
CA SER A 257 1.19 13.98 -2.90
C SER A 257 1.31 14.87 -1.67
N GLU A 258 2.49 15.47 -1.52
CA GLU A 258 2.77 16.29 -0.35
C GLU A 258 2.28 17.74 -0.52
N ASP A 259 1.57 18.00 -1.62
CA ASP A 259 0.88 19.29 -1.79
C ASP A 259 -0.63 19.15 -1.55
N ASN A 260 -1.00 18.06 -0.87
CA ASN A 260 -2.37 17.79 -0.40
C ASN A 260 -3.34 17.40 -1.51
N LEU A 261 -2.83 17.02 -2.67
CA LEU A 261 -3.68 16.60 -3.78
C LEU A 261 -3.54 15.13 -4.11
N VAL A 262 -4.59 14.57 -4.71
CA VAL A 262 -4.50 13.26 -5.34
C VAL A 262 -4.19 13.47 -6.82
N TYR A 263 -3.11 12.85 -7.30
CA TYR A 263 -2.73 13.00 -8.70
C TYR A 263 -3.16 11.77 -9.51
N ILE A 264 -3.66 12.02 -10.72
CA ILE A 264 -4.04 10.93 -11.61
C ILE A 264 -3.39 11.15 -12.97
N TRP A 265 -2.64 10.15 -13.44
CA TRP A 265 -1.95 10.21 -14.73
C TRP A 265 -2.55 9.23 -15.74
N ASN A 266 -2.49 9.60 -17.01
CA ASN A 266 -2.70 8.63 -18.07
C ASN A 266 -1.50 7.70 -18.10
N LEU A 267 -1.74 6.39 -17.95
CA LEU A 267 -0.65 5.44 -17.81
C LEU A 267 0.25 5.45 -19.05
N GLN A 268 -0.36 5.61 -20.23
CA GLN A 268 0.38 5.52 -21.48
C GLN A 268 1.10 6.80 -21.83
N THR A 269 0.40 7.94 -21.75
CA THR A 269 0.96 9.21 -22.19
C THR A 269 1.72 9.95 -21.09
N LYS A 270 1.55 9.49 -19.85
CA LYS A 270 2.21 10.07 -18.67
C LYS A 270 1.71 11.48 -18.33
N GLU A 271 0.65 11.92 -19.02
CA GLU A 271 0.07 13.23 -18.76
C GLU A 271 -0.81 13.19 -17.52
N ILE A 272 -0.75 14.24 -16.72
CA ILE A 272 -1.67 14.42 -15.61
C ILE A 272 -3.06 14.68 -16.16
N VAL A 273 -4.04 13.89 -15.73
CA VAL A 273 -5.39 14.02 -16.27
C VAL A 273 -6.38 14.57 -15.24
N GLN A 274 -6.03 14.46 -13.95
CA GLN A 274 -6.83 15.08 -12.91
C GLN A 274 -6.05 15.26 -11.63
N LYS A 275 -6.35 16.34 -10.91
CA LYS A 275 -5.83 16.54 -9.56
C LYS A 275 -7.00 16.75 -8.61
N LEU A 276 -7.13 15.89 -7.61
CA LEU A 276 -8.28 15.94 -6.71
C LEU A 276 -8.00 16.83 -5.50
N GLN A 277 -8.82 17.87 -5.35
CA GLN A 277 -8.64 18.85 -4.29
C GLN A 277 -9.62 18.62 -3.14
N GLY A 278 -9.17 18.81 -1.91
CA GLY A 278 -10.05 18.64 -0.76
C GLY A 278 -9.31 18.42 0.55
N HIS A 279 -8.23 17.65 0.51
CA HIS A 279 -7.48 17.36 1.73
C HIS A 279 -6.71 18.58 2.20
N THR A 280 -6.42 18.63 3.50
CA THR A 280 -5.74 19.77 4.11
C THR A 280 -4.36 19.42 4.64
N ASP A 281 -3.92 18.20 4.39
CA ASP A 281 -2.55 17.77 4.73
C ASP A 281 -2.09 16.77 3.68
N VAL A 282 -0.85 16.32 3.80
CA VAL A 282 -0.27 15.36 2.86
C VAL A 282 -1.19 14.17 2.61
N VAL A 283 -1.42 13.83 1.35
CA VAL A 283 -2.19 12.63 1.01
C VAL A 283 -1.24 11.44 0.98
N ILE A 284 -1.25 10.67 2.07
CA ILE A 284 -0.28 9.60 2.30
C ILE A 284 -0.67 8.29 1.62
N SER A 285 -1.96 8.11 1.39
CA SER A 285 -2.43 6.83 0.88
C SER A 285 -3.58 7.03 -0.08
N THR A 286 -3.56 6.26 -1.16
CA THR A 286 -4.69 6.14 -2.07
C THR A 286 -4.92 4.67 -2.34
N ALA A 287 -6.15 4.34 -2.69
CA ALA A 287 -6.54 2.99 -3.06
C ALA A 287 -7.61 3.04 -4.15
N CYS A 288 -7.60 2.04 -5.02
CA CYS A 288 -8.56 1.97 -6.12
C CYS A 288 -9.48 0.77 -5.93
N HIS A 289 -10.78 1.01 -6.04
CA HIS A 289 -11.79 -0.03 -5.85
C HIS A 289 -11.60 -1.14 -6.89
N PRO A 290 -11.83 -2.41 -6.50
CA PRO A 290 -11.57 -3.52 -7.41
C PRO A 290 -12.50 -3.61 -8.63
N THR A 291 -13.73 -3.08 -8.54
CA THR A 291 -14.65 -3.19 -9.67
C THR A 291 -15.27 -1.86 -10.12
N GLU A 292 -15.38 -0.91 -9.21
CA GLU A 292 -15.96 0.39 -9.53
C GLU A 292 -14.87 1.45 -9.69
N ASN A 293 -15.21 2.51 -10.42
CA ASN A 293 -14.31 3.65 -10.57
C ASN A 293 -14.38 4.51 -9.33
N ILE A 294 -13.85 3.99 -8.23
CA ILE A 294 -13.86 4.66 -6.94
C ILE A 294 -12.44 4.73 -6.38
N ILE A 295 -12.06 5.89 -5.88
CA ILE A 295 -10.76 6.09 -5.24
C ILE A 295 -10.95 6.45 -3.77
N ALA A 296 -10.17 5.83 -2.90
CA ALA A 296 -10.12 6.27 -1.51
C ALA A 296 -8.81 6.99 -1.29
N SER A 297 -8.83 8.09 -0.56
CA SER A 297 -7.60 8.82 -0.22
C SER A 297 -7.58 9.12 1.26
N ALA A 298 -6.38 9.22 1.84
CA ALA A 298 -6.27 9.51 3.26
C ALA A 298 -5.11 10.45 3.53
N ALA A 299 -5.23 11.26 4.57
CA ALA A 299 -4.25 12.30 4.83
C ALA A 299 -3.64 12.25 6.23
N LEU A 300 -2.58 13.02 6.42
CA LEU A 300 -1.82 13.01 7.66
C LEU A 300 -2.45 13.85 8.77
N GLU A 301 -1.67 14.12 9.81
CA GLU A 301 -2.15 14.56 11.12
C GLU A 301 -3.03 15.82 11.12
N ASN A 302 -2.73 16.77 10.25
CA ASN A 302 -3.47 18.03 10.27
C ASN A 302 -4.83 17.93 9.60
N ASP A 303 -5.10 16.78 8.97
CA ASP A 303 -6.34 16.54 8.24
C ASP A 303 -7.16 15.42 8.91
N LYS A 304 -6.56 14.23 8.99
CA LYS A 304 -7.13 13.06 9.66
C LYS A 304 -8.32 12.40 8.96
N THR A 305 -8.69 12.90 7.78
CA THR A 305 -9.87 12.32 7.13
C THR A 305 -9.54 11.41 5.95
N ILE A 306 -10.52 10.59 5.61
CA ILE A 306 -10.49 9.74 4.43
C ILE A 306 -11.54 10.26 3.46
N LYS A 307 -11.22 10.29 2.17
CA LYS A 307 -12.21 10.76 1.19
C LYS A 307 -12.48 9.68 0.15
N LEU A 308 -13.74 9.57 -0.25
CA LEU A 308 -14.15 8.65 -1.29
C LEU A 308 -14.56 9.44 -2.51
N TRP A 309 -13.97 9.12 -3.65
CA TRP A 309 -14.22 9.83 -4.89
C TRP A 309 -14.76 8.85 -5.94
N LYS A 310 -15.68 9.30 -6.79
CA LYS A 310 -16.17 8.42 -7.85
C LYS A 310 -16.19 9.12 -9.21
N SER A 311 -15.86 8.35 -10.24
CA SER A 311 -15.85 8.83 -11.61
C SER A 311 -16.81 8.00 -12.48
N ASP A 312 -17.22 8.56 -13.61
CA ASP A 312 -18.11 7.84 -14.52
C ASP A 312 -17.32 7.01 -15.52
N CYS A 313 -16.00 7.14 -15.46
CA CYS A 313 -15.13 6.43 -16.39
C CYS A 313 -13.73 6.21 -15.81
#